data_5IJW
#
_entry.id   5IJW
#
_cell.length_a   61.1
_cell.length_b   90.1
_cell.length_c   101.7
_cell.angle_alpha   90
_cell.angle_beta   90
_cell.angle_gamma   90
#
_symmetry.space_group_name_H-M   'P 21 21 21'
#
loop_
_entity.id
_entity.type
_entity.pdbx_description
1 polymer 'Glutamate racemase'
2 non-polymer 'D-GLUTAMIC ACID'
3 non-polymer 'IODIDE ION'
4 water water
#
_entity_poly.entity_id   1
_entity_poly.type   'polypeptide(L)'
_entity_poly.pdbx_seq_one_letter_code
;SHMSDRLAPIGIFDSGVGGLTVARAIIDQLPDEDIVYVGDTGNGPYGPLTIPQIRAHSLAIGDDLVSRGVKALVIACNTA
SSACLRDARERYSPVPVVEVILPAVRRAVAATRNGRIGVIGTQATIASGAYQDAFAAARDTEVFTVACPRFVDFVERGVT
SGRQVLGLAEGYLEPLQLAEVDTLVLGCTHYPMLSGLIQLAMGDNVTLVSSAEETAKDLLRVLTELDLLRPHPDDPSVTA
VRRFEATGDPEAFTALAARFLGPTLDGVRPVRRHAGAGR
;
_entity_poly.pdbx_strand_id   A,B
#
loop_
_chem_comp.id
_chem_comp.type
_chem_comp.name
_chem_comp.formula
IOD non-polymer 'IODIDE ION' 'I -1'
#
# COMPACT_ATOMS: atom_id res chain seq x y z
N SER A 1 -27.73 14.45 21.60
CA SER A 1 -27.68 13.02 21.38
C SER A 1 -27.99 12.71 19.92
N HIS A 2 -27.46 11.60 19.41
CA HIS A 2 -27.70 11.25 18.02
C HIS A 2 -27.43 9.76 17.85
N MET A 3 -27.95 9.22 16.76
CA MET A 3 -27.69 7.82 16.45
C MET A 3 -26.36 7.69 15.70
N SER A 4 -25.53 6.78 16.17
CA SER A 4 -24.23 6.51 15.57
C SER A 4 -23.98 5.01 15.78
N ASP A 5 -24.37 4.23 14.79
CA ASP A 5 -24.50 2.78 14.89
C ASP A 5 -23.25 2.09 14.37
N ARG A 6 -22.56 1.37 15.26
CA ARG A 6 -21.33 0.70 14.85
C ARG A 6 -21.57 -0.40 13.83
N LEU A 7 -22.81 -0.89 13.71
CA LEU A 7 -23.14 -1.91 12.73
C LEU A 7 -23.41 -1.34 11.35
N ALA A 8 -23.57 -0.03 11.22
CA ALA A 8 -23.82 0.61 9.93
C ALA A 8 -22.55 0.63 9.09
N PRO A 9 -22.68 0.77 7.77
CA PRO A 9 -21.48 0.75 6.93
C PRO A 9 -20.73 2.06 6.97
N ILE A 10 -19.49 1.99 6.48
CA ILE A 10 -18.69 3.18 6.18
C ILE A 10 -18.95 3.56 4.73
N GLY A 11 -19.25 4.83 4.49
CA GLY A 11 -19.44 5.33 3.15
C GLY A 11 -18.15 5.95 2.64
N ILE A 12 -17.78 5.59 1.41
CA ILE A 12 -16.60 6.12 0.74
C ILE A 12 -17.04 6.59 -0.63
N PHE A 13 -16.62 7.80 -1.03
CA PHE A 13 -16.90 8.19 -2.40
C PHE A 13 -15.71 8.89 -3.04
N ASP A 14 -15.73 8.86 -4.37
CA ASP A 14 -14.62 9.31 -5.20
C ASP A 14 -15.17 9.76 -6.55
N SER A 15 -14.35 10.53 -7.28
CA SER A 15 -14.76 10.95 -8.63
C SER A 15 -14.97 9.77 -9.56
N GLY A 16 -14.41 8.61 -9.23
CA GLY A 16 -14.54 7.46 -10.12
C GLY A 16 -13.96 6.19 -9.54
N VAL A 17 -12.99 5.61 -10.25
CA VAL A 17 -12.45 4.30 -9.92
C VAL A 17 -11.16 4.45 -9.13
N GLY A 18 -10.46 5.57 -9.33
CA GLY A 18 -9.19 5.77 -8.65
C GLY A 18 -9.28 5.66 -7.13
N GLY A 19 -10.42 6.07 -6.55
CA GLY A 19 -10.60 6.02 -5.11
C GLY A 19 -10.57 4.62 -4.52
N LEU A 20 -10.56 3.59 -5.36
CA LEU A 20 -10.36 2.24 -4.86
C LEU A 20 -9.00 2.05 -4.20
N THR A 21 -8.01 2.88 -4.51
CA THR A 21 -6.75 2.81 -3.75
C THR A 21 -7.01 3.13 -2.27
N VAL A 22 -7.88 4.10 -2.01
CA VAL A 22 -8.25 4.45 -0.64
C VAL A 22 -9.13 3.36 -0.04
N ALA A 23 -10.12 2.88 -0.79
CA ALA A 23 -10.97 1.83 -0.25
C ALA A 23 -10.17 0.59 0.06
N ARG A 24 -9.24 0.22 -0.83
CA ARG A 24 -8.41 -0.95 -0.59
C ARG A 24 -7.58 -0.77 0.68
N ALA A 25 -6.98 0.40 0.87
CA ALA A 25 -6.19 0.64 2.08
C ALA A 25 -7.05 0.60 3.33
N ILE A 26 -8.28 1.12 3.25
CA ILE A 26 -9.20 1.05 4.39
C ILE A 26 -9.53 -0.39 4.71
N ILE A 27 -9.85 -1.17 3.68
CA ILE A 27 -10.22 -2.56 3.90
C ILE A 27 -9.04 -3.36 4.45
N ASP A 28 -7.81 -3.03 4.03
CA ASP A 28 -6.62 -3.65 4.60
C ASP A 28 -6.58 -3.48 6.11
N GLN A 29 -6.92 -2.27 6.59
CA GLN A 29 -6.85 -1.97 8.02
C GLN A 29 -8.08 -2.45 8.76
N LEU A 30 -9.23 -2.49 8.10
CA LEU A 30 -10.53 -2.63 8.77
C LEU A 30 -11.34 -3.72 8.06
N PRO A 31 -10.89 -4.97 8.14
CA PRO A 31 -11.54 -6.05 7.36
C PRO A 31 -12.96 -6.35 7.78
N ASP A 32 -13.35 -6.03 9.01
CA ASP A 32 -14.69 -6.35 9.49
C ASP A 32 -15.73 -5.30 9.17
N GLU A 33 -15.34 -4.15 8.63
CA GLU A 33 -16.29 -3.06 8.40
C GLU A 33 -17.10 -3.27 7.12
N ASP A 34 -18.40 -3.05 7.20
CA ASP A 34 -19.21 -2.97 6.00
C ASP A 34 -18.88 -1.69 5.25
N ILE A 35 -18.93 -1.75 3.91
CA ILE A 35 -18.47 -0.67 3.05
C ILE A 35 -19.52 -0.39 1.98
N VAL A 36 -19.77 0.89 1.72
CA VAL A 36 -20.49 1.32 0.53
C VAL A 36 -19.60 2.34 -0.17
N TYR A 37 -19.13 1.99 -1.36
CA TYR A 37 -18.27 2.83 -2.18
C TYR A 37 -19.06 3.35 -3.37
N VAL A 38 -18.98 4.65 -3.63
CA VAL A 38 -19.59 5.25 -4.82
C VAL A 38 -18.51 5.98 -5.59
N GLY A 39 -18.38 5.65 -6.87
CA GLY A 39 -17.47 6.34 -7.76
C GLY A 39 -18.26 7.08 -8.84
N ASP A 40 -17.99 8.39 -8.96
CA ASP A 40 -18.81 9.25 -9.81
C ASP A 40 -18.38 9.18 -11.28
N THR A 41 -18.28 7.98 -11.83
CA THR A 41 -17.78 7.84 -13.20
C THR A 41 -18.70 8.52 -14.20
N GLY A 42 -19.96 8.74 -13.86
CA GLY A 42 -20.88 9.39 -14.77
C GLY A 42 -20.69 10.88 -14.89
N ASN A 43 -19.95 11.51 -13.97
CA ASN A 43 -19.76 12.96 -13.97
C ASN A 43 -18.30 13.40 -13.91
N GLY A 44 -17.37 12.52 -13.55
CA GLY A 44 -15.97 12.89 -13.54
C GLY A 44 -15.33 12.74 -14.90
N PRO A 45 -14.03 12.98 -14.98
CA PRO A 45 -13.15 13.29 -13.84
C PRO A 45 -13.36 14.68 -13.26
N TYR A 46 -12.97 14.86 -12.00
CA TYR A 46 -13.13 16.15 -11.34
C TYR A 46 -11.96 17.09 -11.57
N GLY A 47 -10.78 16.56 -11.88
CA GLY A 47 -9.57 17.34 -11.99
C GLY A 47 -9.68 18.63 -12.80
N PRO A 48 -10.29 18.58 -13.98
CA PRO A 48 -10.37 19.79 -14.83
C PRO A 48 -11.58 20.67 -14.58
N LEU A 49 -12.42 20.37 -13.61
CA LEU A 49 -13.68 21.08 -13.43
C LEU A 49 -13.52 22.31 -12.52
N THR A 50 -14.59 23.10 -12.42
CA THR A 50 -14.62 24.22 -11.50
C THR A 50 -15.03 23.77 -10.10
N ILE A 51 -14.79 24.64 -9.11
CA ILE A 51 -15.18 24.31 -7.74
C ILE A 51 -16.70 24.14 -7.60
N PRO A 52 -17.54 25.01 -8.16
CA PRO A 52 -18.98 24.75 -8.06
C PRO A 52 -19.39 23.44 -8.72
N GLN A 53 -18.75 23.07 -9.83
CA GLN A 53 -19.06 21.79 -10.46
C GLN A 53 -18.65 20.63 -9.56
N ILE A 54 -17.44 20.69 -9.01
CA ILE A 54 -16.97 19.58 -8.17
C ILE A 54 -17.84 19.45 -6.94
N ARG A 55 -18.22 20.58 -6.34
CA ARG A 55 -19.05 20.54 -5.14
C ARG A 55 -20.42 19.94 -5.44
N ALA A 56 -21.00 20.32 -6.57
CA ALA A 56 -22.34 19.85 -6.90
C ALA A 56 -22.36 18.33 -7.10
N HIS A 57 -21.39 17.81 -7.85
CA HIS A 57 -21.31 16.36 -8.07
C HIS A 57 -20.98 15.62 -6.78
N SER A 58 -19.95 16.07 -6.06
CA SER A 58 -19.50 15.25 -4.94
C SER A 58 -20.43 15.35 -3.74
N LEU A 59 -20.98 16.54 -3.46
CA LEU A 59 -21.88 16.66 -2.33
C LEU A 59 -23.20 15.93 -2.59
N ALA A 60 -23.60 15.77 -3.84
CA ALA A 60 -24.78 14.96 -4.12
C ALA A 60 -24.57 13.53 -3.64
N ILE A 61 -23.36 12.99 -3.85
CA ILE A 61 -23.08 11.63 -3.41
C ILE A 61 -22.90 11.57 -1.91
N GLY A 62 -22.17 12.54 -1.34
CA GLY A 62 -22.04 12.57 0.10
C GLY A 62 -23.38 12.67 0.79
N ASP A 63 -24.27 13.53 0.28
CA ASP A 63 -25.60 13.64 0.87
C ASP A 63 -26.35 12.33 0.79
N ASP A 64 -26.24 11.63 -0.35
CA ASP A 64 -26.92 10.35 -0.53
C ASP A 64 -26.42 9.32 0.47
N LEU A 65 -25.10 9.19 0.59
CA LEU A 65 -24.54 8.21 1.52
C LEU A 65 -24.99 8.47 2.95
N VAL A 66 -24.98 9.73 3.37
CA VAL A 66 -25.39 10.06 4.74
C VAL A 66 -26.88 9.79 4.93
N SER A 67 -27.70 10.10 3.92
CA SER A 67 -29.12 9.80 4.05
C SER A 67 -29.38 8.29 4.12
N ARG A 68 -28.50 7.49 3.51
CA ARG A 68 -28.61 6.03 3.56
C ARG A 68 -28.14 5.43 4.87
N GLY A 69 -27.62 6.23 5.78
CA GLY A 69 -27.34 5.77 7.13
C GLY A 69 -25.92 5.33 7.42
N VAL A 70 -24.93 5.73 6.61
CA VAL A 70 -23.56 5.34 6.92
C VAL A 70 -23.14 6.01 8.22
N LYS A 71 -22.29 5.32 8.99
CA LYS A 71 -21.86 5.83 10.28
C LYS A 71 -20.65 6.75 10.19
N ALA A 72 -19.96 6.74 9.05
CA ALA A 72 -18.82 7.61 8.81
C ALA A 72 -18.73 7.82 7.31
N LEU A 73 -18.23 8.99 6.90
CA LEU A 73 -18.13 9.34 5.50
C LEU A 73 -16.67 9.58 5.16
N VAL A 74 -16.16 8.88 4.15
CA VAL A 74 -14.78 9.04 3.68
C VAL A 74 -14.81 9.70 2.31
N ILE A 75 -14.21 10.88 2.21
CA ILE A 75 -14.00 11.53 0.92
C ILE A 75 -12.64 11.05 0.41
N ALA A 76 -12.66 10.05 -0.47
CA ALA A 76 -11.44 9.44 -0.97
C ALA A 76 -10.77 10.27 -2.03
N CYS A 77 -11.50 11.18 -2.66
CA CYS A 77 -11.02 11.98 -3.77
C CYS A 77 -10.31 13.23 -3.27
N ASN A 78 -9.06 13.42 -3.69
CA ASN A 78 -8.37 14.66 -3.30
C ASN A 78 -9.00 15.88 -3.94
N THR A 79 -9.55 15.75 -5.16
CA THR A 79 -10.16 16.92 -5.79
C THR A 79 -11.47 17.27 -5.09
N ALA A 80 -12.30 16.28 -4.80
CA ALA A 80 -13.53 16.56 -4.06
C ALA A 80 -13.22 17.13 -2.68
N SER A 81 -12.25 16.53 -1.98
CA SER A 81 -11.86 17.04 -0.67
C SER A 81 -11.45 18.50 -0.76
N SER A 82 -10.66 18.84 -1.78
CA SER A 82 -10.15 20.21 -1.88
C SER A 82 -11.29 21.20 -2.02
N ALA A 83 -12.39 20.78 -2.65
CA ALA A 83 -13.52 21.68 -2.89
C ALA A 83 -14.45 21.82 -1.70
N CYS A 84 -14.39 20.92 -0.71
CA CYS A 84 -15.29 21.05 0.44
C CYS A 84 -14.58 20.88 1.78
N LEU A 85 -13.25 20.97 1.79
CA LEU A 85 -12.51 20.82 3.04
C LEU A 85 -13.03 21.77 4.11
N ARG A 86 -13.44 22.98 3.72
CA ARG A 86 -13.82 23.99 4.68
C ARG A 86 -15.17 23.72 5.33
N ASP A 87 -16.05 22.97 4.68
CA ASP A 87 -17.42 22.85 5.17
C ASP A 87 -17.97 21.44 5.29
N ALA A 88 -17.24 20.41 4.86
CA ALA A 88 -17.81 19.06 4.87
C ALA A 88 -18.09 18.58 6.28
N ARG A 89 -17.20 18.87 7.23
CA ARG A 89 -17.42 18.40 8.59
C ARG A 89 -18.71 18.99 9.16
N GLU A 90 -18.90 20.30 8.98
CA GLU A 90 -20.13 20.94 9.45
C GLU A 90 -21.34 20.42 8.70
N ARG A 91 -21.22 20.25 7.38
CA ARG A 91 -22.36 19.80 6.57
C ARG A 91 -22.91 18.47 7.05
N TYR A 92 -22.03 17.53 7.44
CA TYR A 92 -22.48 16.18 7.74
C TYR A 92 -22.52 15.88 9.23
N SER A 93 -22.09 16.81 10.07
CA SER A 93 -22.14 16.63 11.53
C SER A 93 -23.55 16.19 11.94
N PRO A 94 -23.66 15.24 12.87
CA PRO A 94 -22.61 14.60 13.68
C PRO A 94 -21.95 13.37 13.05
N VAL A 95 -22.17 13.12 11.78
CA VAL A 95 -21.50 11.98 11.14
C VAL A 95 -20.02 12.33 10.93
N PRO A 96 -19.08 11.53 11.41
CA PRO A 96 -17.66 11.86 11.23
C PRO A 96 -17.28 11.85 9.75
N VAL A 97 -16.47 12.82 9.36
CA VAL A 97 -15.94 12.94 8.00
C VAL A 97 -14.43 12.74 8.06
N VAL A 98 -13.93 11.76 7.32
CA VAL A 98 -12.50 11.54 7.15
C VAL A 98 -12.17 11.75 5.68
N GLU A 99 -11.10 12.47 5.39
CA GLU A 99 -10.82 12.77 3.99
C GLU A 99 -9.31 12.63 3.77
N VAL A 100 -8.83 13.05 2.60
CA VAL A 100 -7.50 12.63 2.16
C VAL A 100 -6.48 13.75 2.16
N ILE A 101 -6.84 14.98 2.51
CA ILE A 101 -5.85 16.06 2.53
C ILE A 101 -5.17 16.15 3.89
N LEU A 102 -5.96 16.27 4.98
CA LEU A 102 -5.39 16.60 6.27
C LEU A 102 -4.46 15.52 6.85
N PRO A 103 -4.81 14.22 6.78
CA PRO A 103 -3.91 13.22 7.37
C PRO A 103 -2.54 13.21 6.70
N ALA A 104 -2.49 13.31 5.37
CA ALA A 104 -1.20 13.35 4.69
C ALA A 104 -0.45 14.64 4.99
N VAL A 105 -1.17 15.76 5.15
CA VAL A 105 -0.51 17.02 5.50
C VAL A 105 0.18 16.89 6.86
N ARG A 106 -0.53 16.37 7.86
CA ARG A 106 0.08 16.20 9.17
C ARG A 106 1.28 15.27 9.11
N ARG A 107 1.18 14.18 8.34
CA ARG A 107 2.30 13.27 8.21
CA ARG A 107 2.31 13.26 8.20
C ARG A 107 3.50 13.93 7.54
N ALA A 108 3.26 14.70 6.48
CA ALA A 108 4.38 15.33 5.76
C ALA A 108 5.13 16.32 6.65
N VAL A 109 4.40 17.05 7.51
CA VAL A 109 5.05 17.97 8.43
C VAL A 109 5.96 17.23 9.40
N ALA A 110 5.50 16.07 9.89
CA ALA A 110 6.34 15.27 10.76
C ALA A 110 7.50 14.64 9.98
N ALA A 111 7.31 14.35 8.69
CA ALA A 111 8.28 13.56 7.95
C ALA A 111 9.45 14.37 7.38
N THR A 112 9.30 15.67 7.20
CA THR A 112 10.34 16.43 6.51
C THR A 112 11.56 16.61 7.41
N ARG A 113 12.74 16.51 6.81
CA ARG A 113 13.98 16.78 7.52
C ARG A 113 14.48 18.20 7.28
N ASN A 114 14.32 18.73 6.07
CA ASN A 114 14.81 20.07 5.76
C ASN A 114 13.70 21.12 5.74
N GLY A 115 12.45 20.73 6.00
CA GLY A 115 11.38 21.70 6.10
C GLY A 115 10.83 22.16 4.77
N ARG A 116 11.12 21.45 3.69
CA ARG A 116 10.70 21.83 2.34
C ARG A 116 9.86 20.68 1.81
N ILE A 117 8.56 20.95 1.59
CA ILE A 117 7.56 19.93 1.31
C ILE A 117 6.91 20.25 -0.03
N GLY A 118 6.78 19.24 -0.88
CA GLY A 118 6.03 19.37 -2.11
C GLY A 118 4.69 18.66 -2.07
N VAL A 119 3.78 19.11 -2.93
CA VAL A 119 2.48 18.46 -3.12
C VAL A 119 2.24 18.36 -4.61
N ILE A 120 1.78 17.20 -5.09
CA ILE A 120 1.31 17.09 -6.46
C ILE A 120 -0.14 16.62 -6.45
N GLY A 121 -0.89 17.06 -7.46
CA GLY A 121 -2.29 16.66 -7.57
C GLY A 121 -2.91 17.20 -8.84
N THR A 122 -4.23 17.05 -8.95
CA THR A 122 -4.93 17.55 -10.13
C THR A 122 -4.89 19.06 -10.17
N GLN A 123 -5.23 19.61 -11.34
CA GLN A 123 -5.35 21.05 -11.49
C GLN A 123 -6.28 21.65 -10.43
N ALA A 124 -7.50 21.10 -10.30
CA ALA A 124 -8.45 21.66 -9.36
C ALA A 124 -7.92 21.59 -7.94
N THR A 125 -7.32 20.45 -7.57
CA THR A 125 -6.79 20.31 -6.22
C THR A 125 -5.75 21.37 -5.93
N ILE A 126 -4.82 21.59 -6.86
CA ILE A 126 -3.71 22.51 -6.62
C ILE A 126 -4.19 23.96 -6.68
N ALA A 127 -5.10 24.26 -7.61
CA ALA A 127 -5.59 25.63 -7.75
C ALA A 127 -6.46 26.04 -6.56
N SER A 128 -7.08 25.07 -5.88
CA SER A 128 -8.06 25.36 -4.84
C SER A 128 -7.45 26.09 -3.64
N GLY A 129 -6.14 25.98 -3.45
CA GLY A 129 -5.50 26.51 -2.25
C GLY A 129 -5.70 25.65 -1.01
N ALA A 130 -6.31 24.47 -1.15
CA ALA A 130 -6.64 23.66 0.02
C ALA A 130 -5.38 23.19 0.75
N TYR A 131 -4.37 22.72 0.01
CA TYR A 131 -3.15 22.29 0.69
C TYR A 131 -2.41 23.47 1.30
N GLN A 132 -2.39 24.60 0.59
CA GLN A 132 -1.77 25.79 1.14
C GLN A 132 -2.45 26.18 2.46
N ASP A 133 -3.77 26.05 2.52
CA ASP A 133 -4.51 26.34 3.74
CA ASP A 133 -4.48 26.36 3.76
C ASP A 133 -4.18 25.33 4.83
N ALA A 134 -4.16 24.04 4.47
CA ALA A 134 -3.89 23.00 5.47
C ALA A 134 -2.50 23.16 6.06
N PHE A 135 -1.52 23.58 5.26
CA PHE A 135 -0.16 23.72 5.75
C PHE A 135 0.06 25.03 6.50
N ALA A 136 -0.96 25.89 6.61
CA ALA A 136 -0.77 27.22 7.20
C ALA A 136 -0.28 27.13 8.64
N ALA A 137 -0.65 26.08 9.36
CA ALA A 137 -0.18 25.88 10.73
C ALA A 137 1.25 25.38 10.82
N ALA A 138 1.87 24.99 9.71
CA ALA A 138 3.20 24.39 9.74
C ALA A 138 4.27 25.46 9.93
N ARG A 139 5.00 25.38 11.05
CA ARG A 139 6.11 26.29 11.29
C ARG A 139 7.41 25.70 10.75
N ASP A 140 8.35 26.57 10.39
CA ASP A 140 9.62 26.18 9.80
C ASP A 140 9.38 25.25 8.62
N THR A 141 8.42 25.63 7.77
CA THR A 141 8.00 24.82 6.64
C THR A 141 7.78 25.71 5.44
N GLU A 142 8.31 25.28 4.29
CA GLU A 142 8.04 25.91 3.01
C GLU A 142 7.36 24.87 2.13
N VAL A 143 6.24 25.23 1.52
CA VAL A 143 5.43 24.29 0.74
C VAL A 143 5.41 24.73 -0.71
N PHE A 144 5.58 23.77 -1.61
CA PHE A 144 5.59 24.00 -3.05
C PHE A 144 4.62 23.02 -3.69
N THR A 145 3.80 23.50 -4.61
CA THR A 145 2.74 22.69 -5.18
C THR A 145 2.84 22.67 -6.70
N VAL A 146 2.54 21.51 -7.29
CA VAL A 146 2.58 21.32 -8.74
C VAL A 146 1.40 20.46 -9.16
N ALA A 147 0.67 20.90 -10.20
CA ALA A 147 -0.37 20.09 -10.81
C ALA A 147 0.24 19.15 -11.84
N CYS A 148 -0.26 17.91 -11.89
CA CYS A 148 0.26 16.89 -12.82
C CYS A 148 -0.88 16.28 -13.62
N PRO A 149 -1.53 17.06 -14.49
CA PRO A 149 -2.83 16.62 -15.04
C PRO A 149 -2.79 15.32 -15.80
N ARG A 150 -1.74 15.05 -16.58
CA ARG A 150 -1.72 13.85 -17.40
C ARG A 150 -1.42 12.57 -16.62
N PHE A 151 -1.02 12.66 -15.34
CA PHE A 151 -0.72 11.45 -14.57
C PHE A 151 -1.92 10.51 -14.50
N VAL A 152 -3.13 11.06 -14.34
CA VAL A 152 -4.33 10.22 -14.20
C VAL A 152 -4.48 9.32 -15.43
N ASP A 153 -4.39 9.92 -16.62
CA ASP A 153 -4.43 9.16 -17.87
C ASP A 153 -3.40 8.03 -17.92
N PHE A 154 -2.14 8.34 -17.60
CA PHE A 154 -1.08 7.32 -17.66
C PHE A 154 -1.34 6.19 -16.67
N VAL A 155 -1.83 6.52 -15.48
CA VAL A 155 -2.15 5.48 -14.50
C VAL A 155 -3.28 4.59 -15.02
N GLU A 156 -4.34 5.20 -15.55
CA GLU A 156 -5.48 4.39 -15.98
C GLU A 156 -5.13 3.51 -17.18
N ARG A 157 -4.20 3.94 -18.03
CA ARG A 157 -3.74 3.10 -19.13
C ARG A 157 -2.62 2.14 -18.72
N GLY A 158 -2.17 2.19 -17.47
CA GLY A 158 -1.15 1.27 -17.03
C GLY A 158 0.23 1.55 -17.59
N VAL A 159 0.55 2.82 -17.82
CA VAL A 159 1.86 3.21 -18.30
C VAL A 159 2.54 3.96 -17.16
N THR A 160 3.24 3.22 -16.30
CA THR A 160 3.73 3.74 -15.03
C THR A 160 5.21 3.40 -14.82
N SER A 161 5.92 3.08 -15.89
CA SER A 161 7.36 2.93 -15.88
C SER A 161 7.83 3.17 -17.30
N GLY A 162 9.14 3.31 -17.46
CA GLY A 162 9.71 3.50 -18.79
C GLY A 162 9.95 4.96 -19.11
N ARG A 163 10.52 5.16 -20.31
CA ARG A 163 11.12 6.46 -20.63
C ARG A 163 10.06 7.54 -20.83
N GLN A 164 8.93 7.21 -21.45
CA GLN A 164 7.94 8.22 -21.78
C GLN A 164 7.37 8.86 -20.53
N VAL A 165 6.89 8.04 -19.60
CA VAL A 165 6.26 8.60 -18.41
C VAL A 165 7.30 9.26 -17.51
N LEU A 166 8.54 8.77 -17.52
CA LEU A 166 9.57 9.45 -16.73
C LEU A 166 9.79 10.86 -17.24
N GLY A 167 9.81 11.05 -18.55
CA GLY A 167 9.96 12.39 -19.10
C GLY A 167 8.79 13.30 -18.75
N LEU A 168 7.58 12.75 -18.78
CA LEU A 168 6.41 13.49 -18.32
C LEU A 168 6.56 13.91 -16.87
N ALA A 169 6.96 12.97 -16.01
CA ALA A 169 7.14 13.29 -14.59
C ALA A 169 8.22 14.34 -14.38
N GLU A 170 9.33 14.26 -15.12
CA GLU A 170 10.40 15.24 -14.92
C GLU A 170 9.95 16.64 -15.29
N GLY A 171 9.14 16.78 -16.35
CA GLY A 171 8.64 18.10 -16.73
C GLY A 171 7.76 18.70 -15.66
N TYR A 172 6.89 17.89 -15.05
CA TYR A 172 6.05 18.40 -13.96
C TYR A 172 6.87 18.69 -12.72
N LEU A 173 7.80 17.81 -12.37
CA LEU A 173 8.39 17.84 -11.04
C LEU A 173 9.59 18.76 -10.91
N GLU A 174 10.09 19.28 -12.03
CA GLU A 174 11.29 20.11 -11.96
C GLU A 174 11.21 21.26 -10.97
N PRO A 175 10.09 22.02 -10.86
CA PRO A 175 10.06 23.08 -9.84
C PRO A 175 10.22 22.57 -8.41
N LEU A 176 9.78 21.35 -8.13
CA LEU A 176 9.95 20.78 -6.80
C LEU A 176 11.39 20.34 -6.56
N GLN A 177 12.04 19.83 -7.62
CA GLN A 177 13.45 19.48 -7.53
C GLN A 177 14.29 20.73 -7.28
N LEU A 178 14.01 21.81 -8.04
CA LEU A 178 14.72 23.07 -7.84
C LEU A 178 14.50 23.64 -6.44
N ALA A 179 13.30 23.43 -5.87
CA ALA A 179 13.02 23.89 -4.52
C ALA A 179 13.66 22.99 -3.46
N GLU A 180 14.23 21.86 -3.86
CA GLU A 180 14.93 20.94 -2.96
C GLU A 180 14.00 20.40 -1.88
N VAL A 181 12.76 20.08 -2.23
CA VAL A 181 11.87 19.42 -1.26
C VAL A 181 12.43 18.04 -0.92
N ASP A 182 12.19 17.58 0.31
CA ASP A 182 12.62 16.25 0.70
C ASP A 182 11.44 15.36 1.08
N THR A 183 10.23 15.84 0.83
CA THR A 183 8.99 15.19 1.21
C THR A 183 7.97 15.58 0.15
N LEU A 184 7.18 14.61 -0.33
CA LEU A 184 6.27 14.86 -1.42
C LEU A 184 4.92 14.18 -1.16
N VAL A 185 3.87 14.98 -1.04
CA VAL A 185 2.53 14.46 -0.81
C VAL A 185 1.95 14.02 -2.16
N LEU A 186 1.53 12.75 -2.25
CA LEU A 186 0.87 12.24 -3.45
C LEU A 186 -0.60 12.58 -3.34
N GLY A 187 -0.94 13.81 -3.75
CA GLY A 187 -2.26 14.36 -3.48
C GLY A 187 -3.31 14.03 -4.52
N CYS A 188 -3.39 12.76 -4.91
CA CYS A 188 -4.37 12.32 -5.91
C CYS A 188 -4.57 10.82 -5.74
N THR A 189 -5.80 10.35 -5.95
CA THR A 189 -6.10 8.94 -5.78
C THR A 189 -5.21 8.05 -6.62
N HIS A 190 -4.83 8.53 -7.81
CA HIS A 190 -4.14 7.66 -8.75
C HIS A 190 -2.66 7.55 -8.48
N TYR A 191 -2.09 8.45 -7.68
CA TYR A 191 -0.63 8.55 -7.67
C TYR A 191 0.10 7.45 -6.91
N PRO A 192 -0.52 6.67 -6.00
CA PRO A 192 0.24 5.52 -5.46
C PRO A 192 0.69 4.56 -6.54
N MET A 193 -0.03 4.49 -7.67
CA MET A 193 0.36 3.64 -8.78
C MET A 193 1.59 4.17 -9.52
N LEU A 194 2.01 5.41 -9.25
CA LEU A 194 3.22 5.98 -9.81
C LEU A 194 4.33 6.14 -8.79
N SER A 195 4.21 5.55 -7.60
CA SER A 195 5.18 5.88 -6.57
C SER A 195 6.59 5.42 -6.95
N GLY A 196 6.70 4.28 -7.64
CA GLY A 196 8.03 3.82 -8.03
C GLY A 196 8.67 4.74 -9.05
N LEU A 197 7.87 5.20 -10.01
CA LEU A 197 8.38 6.10 -11.04
C LEU A 197 8.68 7.47 -10.45
N ILE A 198 7.83 7.95 -9.55
CA ILE A 198 8.05 9.26 -8.97
C ILE A 198 9.26 9.21 -8.04
N GLN A 199 9.45 8.10 -7.31
CA GLN A 199 10.62 7.98 -6.46
C GLN A 199 11.89 8.02 -7.30
N LEU A 200 11.86 7.38 -8.47
CA LEU A 200 12.99 7.41 -9.40
C LEU A 200 13.30 8.84 -9.82
N ALA A 201 12.26 9.58 -10.22
CA ALA A 201 12.42 10.95 -10.67
C ALA A 201 12.91 11.86 -9.54
N MET A 202 12.44 11.64 -8.32
CA MET A 202 12.76 12.57 -7.23
C MET A 202 14.06 12.24 -6.51
N GLY A 203 14.55 11.02 -6.63
CA GLY A 203 15.74 10.58 -5.94
C GLY A 203 15.41 9.86 -4.64
N ASP A 204 16.40 9.13 -4.11
CA ASP A 204 16.07 8.27 -2.99
C ASP A 204 15.95 9.02 -1.67
N ASN A 205 16.28 10.32 -1.61
CA ASN A 205 16.13 11.04 -0.36
C ASN A 205 14.68 11.45 -0.08
N VAL A 206 13.83 11.53 -1.10
CA VAL A 206 12.53 12.19 -0.95
C VAL A 206 11.52 11.20 -0.36
N THR A 207 10.90 11.58 0.76
CA THR A 207 9.86 10.77 1.37
C THR A 207 8.54 11.04 0.67
N LEU A 208 7.97 10.01 0.03
CA LEU A 208 6.64 10.12 -0.58
C LEU A 208 5.59 9.77 0.46
N VAL A 209 4.50 10.56 0.48
CA VAL A 209 3.41 10.34 1.43
C VAL A 209 2.16 10.00 0.64
N SER A 210 1.59 8.82 0.90
CA SER A 210 0.39 8.33 0.22
C SER A 210 -0.87 8.82 0.92
N SER A 211 -1.79 9.41 0.15
CA SER A 211 -3.05 9.84 0.75
C SER A 211 -3.87 8.64 1.23
N ALA A 212 -3.89 7.57 0.43
CA ALA A 212 -4.68 6.40 0.79
C ALA A 212 -4.22 5.81 2.11
N GLU A 213 -2.90 5.71 2.30
CA GLU A 213 -2.38 5.06 3.50
C GLU A 213 -2.64 5.91 4.75
N GLU A 214 -2.38 7.22 4.65
CA GLU A 214 -2.58 8.05 5.84
C GLU A 214 -4.07 8.19 6.17
N THR A 215 -4.94 8.18 5.16
CA THR A 215 -6.36 8.27 5.45
C THR A 215 -6.91 6.96 6.05
N ALA A 216 -6.44 5.81 5.55
CA ALA A 216 -6.87 4.54 6.13
C ALA A 216 -6.53 4.46 7.61
N LYS A 217 -5.31 4.87 7.97
CA LYS A 217 -4.92 4.86 9.37
C LYS A 217 -5.73 5.85 10.19
N ASP A 218 -6.02 7.01 9.61
CA ASP A 218 -6.79 8.02 10.33
C ASP A 218 -8.22 7.54 10.59
N LEU A 219 -8.82 6.83 9.62
CA LEU A 219 -10.15 6.27 9.86
C LEU A 219 -10.13 5.27 11.01
N LEU A 220 -9.14 4.39 11.05
CA LEU A 220 -9.03 3.47 12.18
C LEU A 220 -8.93 4.23 13.50
N ARG A 221 -8.10 5.27 13.53
CA ARG A 221 -7.99 6.09 14.74
C ARG A 221 -9.34 6.72 15.09
N VAL A 222 -10.01 7.31 14.10
CA VAL A 222 -11.27 8.01 14.37
C VAL A 222 -12.33 7.05 14.88
N LEU A 223 -12.49 5.90 14.21
CA LEU A 223 -13.48 4.92 14.67
C LEU A 223 -13.13 4.41 16.05
N THR A 224 -11.84 4.22 16.33
CA THR A 224 -11.43 3.79 17.66
C THR A 224 -11.80 4.83 18.71
N GLU A 225 -11.47 6.11 18.47
CA GLU A 225 -11.73 7.16 19.44
C GLU A 225 -13.22 7.32 19.71
N LEU A 226 -14.06 7.14 18.70
CA LEU A 226 -15.50 7.35 18.83
C LEU A 226 -16.23 6.11 19.29
N ASP A 227 -15.52 5.03 19.62
CA ASP A 227 -16.12 3.74 19.95
C ASP A 227 -17.12 3.33 18.87
N LEU A 228 -16.64 3.29 17.62
CA LEU A 228 -17.51 3.07 16.48
C LEU A 228 -17.06 1.92 15.61
N LEU A 229 -16.14 1.09 16.09
CA LEU A 229 -15.68 -0.05 15.28
C LEU A 229 -16.74 -1.15 15.29
N ARG A 230 -17.04 -1.67 14.11
CA ARG A 230 -17.87 -2.86 14.03
C ARG A 230 -17.13 -4.03 14.65
N PRO A 231 -17.76 -4.80 15.54
CA PRO A 231 -17.04 -5.84 16.26
C PRO A 231 -16.63 -7.00 15.37
N HIS A 232 -15.55 -7.65 15.76
CA HIS A 232 -15.06 -8.82 15.05
C HIS A 232 -16.08 -9.94 15.19
N PRO A 233 -16.55 -10.53 14.09
CA PRO A 233 -17.54 -11.62 14.20
C PRO A 233 -16.93 -12.83 14.89
N ASP A 234 -17.70 -13.44 15.79
CA ASP A 234 -17.21 -14.63 16.47
C ASP A 234 -17.28 -15.86 15.56
N ASP A 235 -18.22 -15.88 14.62
CA ASP A 235 -18.29 -16.92 13.60
C ASP A 235 -17.52 -16.46 12.37
N PRO A 236 -16.33 -17.01 12.09
CA PRO A 236 -15.52 -16.47 10.98
C PRO A 236 -16.07 -16.76 9.60
N SER A 237 -17.22 -17.43 9.50
CA SER A 237 -17.92 -17.50 8.22
C SER A 237 -18.62 -16.19 7.88
N VAL A 238 -18.80 -15.33 8.88
CA VAL A 238 -19.40 -14.01 8.66
C VAL A 238 -18.33 -13.07 8.14
N THR A 239 -18.59 -12.45 6.99
CA THR A 239 -17.65 -11.52 6.39
C THR A 239 -18.35 -10.19 6.11
N ALA A 240 -17.54 -9.17 5.89
CA ALA A 240 -18.08 -7.83 5.67
C ALA A 240 -18.89 -7.77 4.38
N VAL A 241 -19.95 -6.96 4.42
CA VAL A 241 -20.76 -6.68 3.24
C VAL A 241 -20.20 -5.43 2.59
N ARG A 242 -19.73 -5.55 1.35
CA ARG A 242 -19.11 -4.43 0.63
C ARG A 242 -19.84 -4.22 -0.68
N ARG A 243 -20.34 -3.01 -0.90
CA ARG A 243 -21.02 -2.65 -2.13
C ARG A 243 -20.23 -1.57 -2.83
N PHE A 244 -20.08 -1.72 -4.15
CA PHE A 244 -19.37 -0.76 -4.98
C PHE A 244 -20.31 -0.29 -6.08
N GLU A 245 -20.59 1.01 -6.09
CA GLU A 245 -21.54 1.62 -7.01
C GLU A 245 -20.83 2.62 -7.91
N ALA A 246 -21.33 2.76 -9.13
CA ALA A 246 -20.84 3.74 -10.08
C ALA A 246 -22.01 4.54 -10.63
N THR A 247 -21.83 5.85 -10.80
CA THR A 247 -22.88 6.63 -11.44
C THR A 247 -22.85 6.51 -12.96
N GLY A 248 -21.76 6.01 -13.53
CA GLY A 248 -21.63 5.80 -14.96
C GLY A 248 -21.87 4.35 -15.35
N ASP A 249 -21.27 3.95 -16.46
CA ASP A 249 -21.42 2.62 -17.02
C ASP A 249 -20.88 1.56 -16.06
N PRO A 250 -21.70 0.61 -15.58
CA PRO A 250 -21.21 -0.32 -14.56
C PRO A 250 -20.20 -1.33 -15.09
N GLU A 251 -20.31 -1.75 -16.36
CA GLU A 251 -19.31 -2.64 -16.91
C GLU A 251 -17.96 -1.94 -17.08
N ALA A 252 -17.99 -0.66 -17.47
CA ALA A 252 -16.75 0.10 -17.57
C ALA A 252 -16.09 0.25 -16.21
N PHE A 253 -16.88 0.50 -15.16
CA PHE A 253 -16.34 0.56 -13.81
C PHE A 253 -15.63 -0.74 -13.45
N THR A 254 -16.29 -1.87 -13.68
CA THR A 254 -15.74 -3.17 -13.31
C THR A 254 -14.43 -3.44 -14.04
N ALA A 255 -14.36 -3.09 -15.32
CA ALA A 255 -13.15 -3.31 -16.10
C ALA A 255 -11.97 -2.48 -15.58
N LEU A 256 -12.22 -1.20 -15.30
CA LEU A 256 -11.14 -0.32 -14.86
C LEU A 256 -10.74 -0.61 -13.41
N ALA A 257 -11.67 -1.13 -12.61
CA ALA A 257 -11.37 -1.40 -11.20
C ALA A 257 -10.16 -2.31 -11.03
N ALA A 258 -9.91 -3.21 -11.99
CA ALA A 258 -8.79 -4.14 -11.89
C ALA A 258 -7.45 -3.41 -11.80
N ARG A 259 -7.31 -2.26 -12.47
CA ARG A 259 -6.08 -1.48 -12.38
C ARG A 259 -5.73 -1.14 -10.94
N PHE A 260 -6.73 -0.81 -10.13
CA PHE A 260 -6.49 -0.29 -8.79
C PHE A 260 -6.61 -1.36 -7.71
N LEU A 261 -7.39 -2.40 -7.93
CA LEU A 261 -7.54 -3.41 -6.90
C LEU A 261 -6.47 -4.48 -6.96
N GLY A 262 -5.89 -4.72 -8.14
CA GLY A 262 -4.93 -5.79 -8.30
C GLY A 262 -5.65 -7.09 -8.50
N PRO A 263 -4.90 -8.20 -8.54
CA PRO A 263 -5.55 -9.50 -8.75
C PRO A 263 -6.38 -9.87 -7.52
N THR A 264 -7.50 -10.53 -7.76
CA THR A 264 -8.46 -10.82 -6.71
C THR A 264 -8.80 -12.31 -6.75
N LEU A 265 -9.52 -12.76 -5.73
CA LEU A 265 -9.84 -14.17 -5.57
C LEU A 265 -10.81 -14.67 -6.64
N ASP A 266 -11.43 -13.77 -7.40
CA ASP A 266 -12.28 -14.21 -8.51
C ASP A 266 -11.46 -14.88 -9.61
N GLY A 267 -10.18 -14.54 -9.73
CA GLY A 267 -9.36 -15.03 -10.80
C GLY A 267 -8.19 -15.88 -10.36
N VAL A 268 -7.65 -15.59 -9.18
CA VAL A 268 -6.51 -16.34 -8.67
C VAL A 268 -6.94 -17.76 -8.33
N ARG A 269 -6.18 -18.74 -8.83
CA ARG A 269 -6.42 -20.16 -8.56
C ARG A 269 -5.06 -20.83 -8.36
N PRO A 270 -4.66 -21.06 -7.12
CA PRO A 270 -3.30 -21.56 -6.86
C PRO A 270 -3.12 -23.02 -7.25
N VAL A 271 -1.91 -23.35 -7.69
CA VAL A 271 -1.58 -24.71 -8.06
C VAL A 271 -0.65 -25.29 -7.00
N ARG A 272 -0.53 -26.61 -7.02
CA ARG A 272 0.46 -27.28 -6.20
C ARG A 272 1.39 -28.11 -7.07
N SER B 1 19.23 -14.19 -25.01
CA SER B 1 19.58 -12.85 -25.46
C SER B 1 19.06 -11.82 -24.47
N HIS B 2 19.37 -10.54 -24.69
CA HIS B 2 18.82 -9.54 -23.79
C HIS B 2 17.31 -9.40 -24.01
N MET B 3 16.85 -9.54 -25.25
CA MET B 3 15.41 -9.52 -25.51
C MET B 3 14.69 -10.67 -24.80
N SER B 4 15.25 -11.89 -24.87
CA SER B 4 14.60 -12.99 -24.17
C SER B 4 14.62 -12.78 -22.67
N ASP B 5 15.66 -12.12 -22.14
CA ASP B 5 15.68 -11.80 -20.72
C ASP B 5 14.48 -10.93 -20.35
N ARG B 6 14.15 -9.94 -21.19
CA ARG B 6 13.05 -9.03 -20.89
C ARG B 6 11.71 -9.74 -20.82
N LEU B 7 11.60 -10.90 -21.47
CA LEU B 7 10.32 -11.58 -21.58
C LEU B 7 10.08 -12.60 -20.49
N ALA B 8 11.09 -12.91 -19.67
CA ALA B 8 10.93 -13.89 -18.60
C ALA B 8 10.07 -13.32 -17.46
N PRO B 9 9.43 -14.19 -16.68
CA PRO B 9 8.63 -13.71 -15.55
C PRO B 9 9.49 -13.30 -14.37
N ILE B 10 8.88 -12.54 -13.46
CA ILE B 10 9.48 -12.25 -12.16
C ILE B 10 9.06 -13.35 -11.20
N GLY B 11 10.04 -13.94 -10.51
CA GLY B 11 9.74 -14.92 -9.48
C GLY B 11 9.68 -14.23 -8.13
N ILE B 12 8.65 -14.58 -7.35
CA ILE B 12 8.45 -14.05 -6.00
C ILE B 12 8.22 -15.24 -5.09
N PHE B 13 8.90 -15.28 -3.94
CA PHE B 13 8.52 -16.33 -3.01
C PHE B 13 8.49 -15.84 -1.57
N ASP B 14 7.73 -16.57 -0.76
CA ASP B 14 7.41 -16.17 0.60
C ASP B 14 7.23 -17.44 1.39
N SER B 15 7.29 -17.32 2.73
CA SER B 15 6.97 -18.44 3.59
C SER B 15 5.55 -18.93 3.42
N GLY B 16 4.65 -18.10 2.88
CA GLY B 16 3.26 -18.51 2.74
C GLY B 16 2.43 -17.54 1.96
N VAL B 17 1.34 -17.08 2.59
CA VAL B 17 0.38 -16.21 1.93
C VAL B 17 0.63 -14.73 2.22
N GLY B 18 1.31 -14.42 3.32
CA GLY B 18 1.56 -13.02 3.67
C GLY B 18 2.37 -12.26 2.64
N GLY B 19 3.24 -12.96 1.91
CA GLY B 19 4.02 -12.31 0.87
C GLY B 19 3.19 -11.72 -0.24
N LEU B 20 1.89 -12.01 -0.28
CA LEU B 20 1.03 -11.35 -1.25
C LEU B 20 0.95 -9.85 -1.02
N THR B 21 1.30 -9.34 0.18
CA THR B 21 1.40 -7.89 0.31
C THR B 21 2.50 -7.35 -0.58
N VAL B 22 3.62 -8.08 -0.68
CA VAL B 22 4.69 -7.66 -1.57
C VAL B 22 4.29 -7.88 -3.02
N ALA B 23 3.68 -9.02 -3.34
CA ALA B 23 3.25 -9.27 -4.71
C ALA B 23 2.24 -8.23 -5.17
N ARG B 24 1.28 -7.86 -4.31
CA ARG B 24 0.27 -6.89 -4.71
C ARG B 24 0.89 -5.53 -4.97
N ALA B 25 1.84 -5.11 -4.14
CA ALA B 25 2.53 -3.84 -4.36
C ALA B 25 3.36 -3.87 -5.64
N ILE B 26 4.00 -5.01 -5.93
CA ILE B 26 4.75 -5.14 -7.18
C ILE B 26 3.82 -5.03 -8.38
N ILE B 27 2.69 -5.75 -8.34
CA ILE B 27 1.75 -5.70 -9.47
C ILE B 27 1.20 -4.29 -9.66
N ASP B 28 1.00 -3.56 -8.55
CA ASP B 28 0.58 -2.16 -8.64
C ASP B 28 1.57 -1.35 -9.48
N GLN B 29 2.87 -1.54 -9.22
CA GLN B 29 3.88 -0.72 -9.89
C GLN B 29 4.17 -1.22 -11.29
N LEU B 30 4.01 -2.52 -11.53
CA LEU B 30 4.51 -3.19 -12.73
C LEU B 30 3.41 -4.06 -13.30
N PRO B 31 2.33 -3.44 -13.79
CA PRO B 31 1.18 -4.22 -14.28
C PRO B 31 1.50 -5.11 -15.48
N ASP B 32 2.53 -4.78 -16.26
CA ASP B 32 2.82 -5.54 -17.46
C ASP B 32 3.66 -6.78 -17.22
N GLU B 33 4.19 -6.98 -16.02
CA GLU B 33 5.17 -8.03 -15.81
C GLU B 33 4.47 -9.37 -15.52
N ASP B 34 4.95 -10.44 -16.16
CA ASP B 34 4.53 -11.78 -15.79
C ASP B 34 5.11 -12.14 -14.42
N ILE B 35 4.34 -12.90 -13.65
CA ILE B 35 4.64 -13.16 -12.25
C ILE B 35 4.50 -14.64 -11.97
N VAL B 36 5.46 -15.21 -11.25
CA VAL B 36 5.29 -16.53 -10.62
C VAL B 36 5.52 -16.34 -9.13
N TYR B 37 4.48 -16.57 -8.33
CA TYR B 37 4.55 -16.43 -6.87
C TYR B 37 4.49 -17.82 -6.25
N VAL B 38 5.41 -18.10 -5.32
CA VAL B 38 5.42 -19.36 -4.58
C VAL B 38 5.33 -19.08 -3.09
N GLY B 39 4.33 -19.66 -2.42
CA GLY B 39 4.17 -19.52 -0.98
C GLY B 39 4.39 -20.86 -0.31
N ASP B 40 5.33 -20.90 0.62
CA ASP B 40 5.75 -22.17 1.23
C ASP B 40 4.82 -22.59 2.38
N THR B 41 3.51 -22.61 2.12
CA THR B 41 2.54 -22.89 3.19
C THR B 41 2.72 -24.29 3.77
N GLY B 42 3.33 -25.20 3.01
CA GLY B 42 3.50 -26.54 3.53
C GLY B 42 4.60 -26.68 4.57
N ASN B 43 5.50 -25.70 4.66
CA ASN B 43 6.62 -25.78 5.60
C ASN B 43 6.71 -24.60 6.55
N GLY B 44 6.01 -23.51 6.30
CA GLY B 44 6.02 -22.37 7.20
C GLY B 44 5.03 -22.54 8.34
N PRO B 45 4.92 -21.53 9.22
CA PRO B 45 5.64 -20.26 9.14
C PRO B 45 7.12 -20.38 9.46
N TYR B 46 7.91 -19.43 8.92
CA TYR B 46 9.35 -19.41 9.17
C TYR B 46 9.70 -18.69 10.48
N GLY B 47 8.85 -17.77 10.92
CA GLY B 47 9.10 -16.98 12.11
C GLY B 47 9.71 -17.69 13.31
N PRO B 48 9.15 -18.83 13.70
CA PRO B 48 9.66 -19.55 14.89
C PRO B 48 10.82 -20.51 14.64
N LEU B 49 11.32 -20.62 13.41
CA LEU B 49 12.26 -21.67 13.06
C LEU B 49 13.72 -21.24 13.29
N THR B 50 14.63 -22.19 13.11
CA THR B 50 16.06 -21.91 13.15
C THR B 50 16.53 -21.45 11.77
N ILE B 51 17.71 -20.83 11.76
CA ILE B 51 18.28 -20.38 10.49
C ILE B 51 18.53 -21.54 9.54
N PRO B 52 19.13 -22.67 9.96
CA PRO B 52 19.26 -23.80 9.02
C PRO B 52 17.94 -24.24 8.44
N GLN B 53 16.88 -24.31 9.25
CA GLN B 53 15.57 -24.74 8.75
C GLN B 53 15.02 -23.75 7.74
N ILE B 54 15.13 -22.45 8.02
CA ILE B 54 14.61 -21.42 7.12
C ILE B 54 15.37 -21.43 5.80
N ARG B 55 16.69 -21.54 5.86
CA ARG B 55 17.49 -21.60 4.64
C ARG B 55 17.12 -22.83 3.81
N ALA B 56 16.98 -23.99 4.45
CA ALA B 56 16.66 -25.21 3.71
C ALA B 56 15.36 -25.06 2.92
N HIS B 57 14.30 -24.59 3.59
CA HIS B 57 13.01 -24.44 2.93
C HIS B 57 13.04 -23.35 1.87
N SER B 58 13.56 -22.18 2.21
CA SER B 58 13.40 -21.06 1.29
C SER B 58 14.37 -21.15 0.11
N LEU B 59 15.60 -21.64 0.33
CA LEU B 59 16.52 -21.75 -0.80
C LEU B 59 16.09 -22.84 -1.77
N ALA B 60 15.34 -23.84 -1.31
CA ALA B 60 14.80 -24.83 -2.24
C ALA B 60 13.86 -24.17 -3.24
N ILE B 61 13.05 -23.23 -2.76
CA ILE B 61 12.10 -22.54 -3.63
C ILE B 61 12.85 -21.57 -4.56
N GLY B 62 13.76 -20.78 -4.00
CA GLY B 62 14.54 -19.86 -4.83
C GLY B 62 15.34 -20.58 -5.90
N ASP B 63 15.98 -21.70 -5.55
CA ASP B 63 16.71 -22.47 -6.54
C ASP B 63 15.79 -22.94 -7.65
N ASP B 64 14.59 -23.38 -7.28
CA ASP B 64 13.64 -23.88 -8.27
C ASP B 64 13.21 -22.76 -9.23
N LEU B 65 12.83 -21.60 -8.68
CA LEU B 65 12.43 -20.47 -9.53
C LEU B 65 13.54 -20.09 -10.51
N VAL B 66 14.78 -19.99 -10.02
CA VAL B 66 15.87 -19.59 -10.90
C VAL B 66 16.12 -20.65 -11.97
N SER B 67 16.01 -21.93 -11.58
CA SER B 67 16.13 -23.01 -12.56
C SER B 67 15.03 -22.94 -13.61
N ARG B 68 13.86 -22.42 -13.23
CA ARG B 68 12.76 -22.32 -14.18
C ARG B 68 12.91 -21.16 -15.17
N GLY B 69 13.77 -20.21 -14.86
N GLY B 69 13.68 -20.12 -14.81
CA GLY B 69 13.94 -19.08 -15.75
CA GLY B 69 14.11 -19.09 -15.77
C GLY B 69 13.10 -17.91 -15.29
C GLY B 69 13.67 -17.64 -15.58
N VAL B 70 13.64 -17.14 -14.35
CA VAL B 70 13.06 -15.84 -14.03
C VAL B 70 14.06 -14.73 -14.38
N LYS B 71 13.52 -13.56 -14.76
CA LYS B 71 14.37 -12.39 -15.00
C LYS B 71 14.88 -11.78 -13.70
N ALA B 72 14.17 -11.97 -12.59
CA ALA B 72 14.57 -11.42 -11.30
C ALA B 72 13.88 -12.24 -10.24
N LEU B 73 14.51 -12.32 -9.07
CA LEU B 73 14.03 -13.13 -7.96
C LEU B 73 13.75 -12.21 -6.80
N VAL B 74 12.49 -12.17 -6.38
CA VAL B 74 12.08 -11.35 -5.24
C VAL B 74 11.88 -12.25 -4.03
N ILE B 75 12.66 -12.02 -2.98
CA ILE B 75 12.45 -12.70 -1.70
C ILE B 75 11.51 -11.79 -0.91
N ALA B 76 10.22 -12.14 -0.90
CA ALA B 76 9.19 -11.29 -0.31
C ALA B 76 9.14 -11.43 1.20
N CYS B 77 9.68 -12.52 1.73
CA CYS B 77 9.59 -12.86 3.14
C CYS B 77 10.76 -12.21 3.89
N ASN B 78 10.45 -11.42 4.93
CA ASN B 78 11.52 -10.83 5.73
C ASN B 78 12.30 -11.89 6.49
N THR B 79 11.63 -12.96 6.93
CA THR B 79 12.35 -14.00 7.65
C THR B 79 13.29 -14.78 6.72
N ALA B 80 12.80 -15.21 5.56
CA ALA B 80 13.67 -15.86 4.59
C ALA B 80 14.82 -14.93 4.17
N SER B 81 14.52 -13.66 3.90
CA SER B 81 15.61 -12.76 3.52
CA SER B 81 15.57 -12.70 3.55
C SER B 81 16.62 -12.62 4.64
N SER B 82 16.18 -12.54 5.90
CA SER B 82 17.13 -12.39 6.99
C SER B 82 18.10 -13.56 7.04
N ALA B 83 17.66 -14.75 6.64
CA ALA B 83 18.49 -15.95 6.73
C ALA B 83 19.47 -16.10 5.57
N CYS B 84 19.28 -15.36 4.47
CA CYS B 84 20.17 -15.52 3.32
CA CYS B 84 20.15 -15.51 3.31
C CYS B 84 20.61 -14.17 2.75
N LEU B 85 20.50 -13.09 3.54
CA LEU B 85 20.84 -11.76 3.06
C LEU B 85 22.27 -11.70 2.54
N ARG B 86 23.19 -12.41 3.22
CA ARG B 86 24.60 -12.29 2.90
C ARG B 86 25.05 -13.14 1.71
N ASP B 87 24.27 -14.15 1.30
CA ASP B 87 24.72 -15.01 0.20
C ASP B 87 23.76 -15.16 -0.99
N ALA B 88 22.54 -14.63 -0.93
CA ALA B 88 21.62 -14.88 -2.04
C ALA B 88 22.06 -14.19 -3.34
N ARG B 89 22.65 -13.01 -3.24
CA ARG B 89 23.08 -12.30 -4.44
C ARG B 89 24.06 -13.15 -5.26
N GLU B 90 25.11 -13.67 -4.59
CA GLU B 90 26.08 -14.51 -5.29
C GLU B 90 25.47 -15.85 -5.68
N ARG B 91 24.61 -16.41 -4.83
CA ARG B 91 24.03 -17.72 -5.12
C ARG B 91 23.27 -17.71 -6.44
N TYR B 92 22.58 -16.63 -6.74
CA TYR B 92 21.72 -16.57 -7.92
C TYR B 92 22.28 -15.72 -9.05
N SER B 93 23.42 -15.05 -8.85
CA SER B 93 24.05 -14.30 -9.92
C SER B 93 24.15 -15.15 -11.20
N PRO B 94 23.88 -14.55 -12.37
CA PRO B 94 23.63 -13.13 -12.66
C PRO B 94 22.17 -12.69 -12.54
N VAL B 95 21.31 -13.53 -12.00
CA VAL B 95 19.91 -13.11 -11.86
C VAL B 95 19.80 -12.09 -10.74
N PRO B 96 19.19 -10.91 -10.96
CA PRO B 96 19.08 -9.92 -9.91
C PRO B 96 18.19 -10.42 -8.78
N VAL B 97 18.62 -10.18 -7.54
CA VAL B 97 17.86 -10.55 -6.36
C VAL B 97 17.37 -9.26 -5.70
N VAL B 98 16.06 -9.14 -5.54
CA VAL B 98 15.47 -8.03 -4.81
C VAL B 98 14.79 -8.60 -3.59
N GLU B 99 15.10 -8.06 -2.42
CA GLU B 99 14.57 -8.65 -1.20
C GLU B 99 14.05 -7.53 -0.32
N VAL B 100 13.43 -7.88 0.81
CA VAL B 100 12.61 -6.90 1.50
C VAL B 100 13.33 -6.16 2.63
N ILE B 101 14.60 -6.50 2.92
CA ILE B 101 15.29 -5.83 4.03
C ILE B 101 15.94 -4.54 3.57
N LEU B 102 16.85 -4.61 2.59
CA LEU B 102 17.63 -3.42 2.24
C LEU B 102 16.82 -2.25 1.71
N PRO B 103 15.78 -2.42 0.87
CA PRO B 103 15.04 -1.22 0.43
C PRO B 103 14.40 -0.46 1.60
N ALA B 104 13.89 -1.18 2.60
CA ALA B 104 13.31 -0.50 3.76
C ALA B 104 14.39 0.12 4.62
N VAL B 105 15.54 -0.56 4.78
CA VAL B 105 16.64 0.01 5.55
C VAL B 105 17.09 1.32 4.94
N ARG B 106 17.30 1.34 3.62
CA ARG B 106 17.75 2.56 2.95
C ARG B 106 16.74 3.68 3.14
N ARG B 107 15.46 3.37 2.94
CA ARG B 107 14.41 4.37 3.14
C ARG B 107 14.43 4.91 4.56
N ALA B 108 14.51 4.02 5.55
CA ALA B 108 14.46 4.44 6.95
C ALA B 108 15.63 5.36 7.30
N VAL B 109 16.81 5.07 6.75
CA VAL B 109 17.97 5.94 6.98
C VAL B 109 17.71 7.35 6.45
N ALA B 110 17.15 7.44 5.25
CA ALA B 110 16.83 8.75 4.70
C ALA B 110 15.68 9.41 5.45
N ALA B 111 14.75 8.62 5.98
CA ALA B 111 13.50 9.18 6.48
C ALA B 111 13.59 9.67 7.92
N THR B 112 14.57 9.20 8.69
CA THR B 112 14.62 9.56 10.09
C THR B 112 15.04 11.02 10.26
N ARG B 113 14.47 11.67 11.27
CA ARG B 113 14.89 13.02 11.64
C ARG B 113 15.90 13.01 12.77
N ASN B 114 15.67 12.20 13.81
CA ASN B 114 16.58 12.18 14.96
C ASN B 114 17.63 11.08 14.88
N GLY B 115 17.62 10.27 13.82
CA GLY B 115 18.60 9.21 13.67
C GLY B 115 18.39 7.99 14.53
N ARG B 116 17.20 7.82 15.10
CA ARG B 116 16.90 6.67 15.95
C ARG B 116 15.78 5.87 15.30
N ILE B 117 16.07 4.63 14.94
CA ILE B 117 15.21 3.87 14.05
C ILE B 117 14.85 2.56 14.73
N GLY B 118 13.57 2.19 14.69
CA GLY B 118 13.13 0.90 15.18
C GLY B 118 12.83 -0.08 14.05
N VAL B 119 12.98 -1.37 14.35
CA VAL B 119 12.54 -2.44 13.45
C VAL B 119 11.72 -3.43 14.24
N ILE B 120 10.59 -3.87 13.69
CA ILE B 120 9.83 -4.99 14.24
C ILE B 120 9.74 -6.10 13.19
N GLY B 121 9.63 -7.34 13.65
CA GLY B 121 9.50 -8.46 12.75
C GLY B 121 9.34 -9.74 13.55
N THR B 122 9.43 -10.87 12.86
CA THR B 122 9.36 -12.15 13.56
C THR B 122 10.59 -12.35 14.45
N GLN B 123 10.48 -13.34 15.33
CA GLN B 123 11.61 -13.75 16.16
C GLN B 123 12.85 -14.07 15.34
N ALA B 124 12.71 -14.90 14.30
CA ALA B 124 13.89 -15.30 13.53
C ALA B 124 14.49 -14.09 12.82
N THR B 125 13.64 -13.23 12.26
CA THR B 125 14.13 -12.03 11.60
C THR B 125 14.95 -11.17 12.55
N ILE B 126 14.42 -10.93 13.75
CA ILE B 126 15.08 -10.00 14.67
C ILE B 126 16.30 -10.66 15.29
N ALA B 127 16.23 -11.96 15.56
CA ALA B 127 17.36 -12.65 16.16
C ALA B 127 18.52 -12.81 15.19
N SER B 128 18.26 -12.78 13.88
CA SER B 128 19.29 -13.08 12.89
C SER B 128 20.41 -12.06 12.85
N GLY B 129 20.18 -10.85 13.37
CA GLY B 129 21.14 -9.78 13.25
C GLY B 129 21.12 -9.07 11.90
N ALA B 130 20.22 -9.46 11.00
CA ALA B 130 20.25 -8.95 9.63
C ALA B 130 20.03 -7.44 9.57
N TYR B 131 18.98 -6.93 10.25
CA TYR B 131 18.75 -5.48 10.25
C TYR B 131 19.87 -4.75 10.98
N GLN B 132 20.32 -5.31 12.10
CA GLN B 132 21.40 -4.71 12.86
C GLN B 132 22.65 -4.53 11.99
N ASP B 133 23.01 -5.58 11.24
CA ASP B 133 24.16 -5.49 10.34
C ASP B 133 23.92 -4.47 9.24
N ALA B 134 22.72 -4.48 8.65
CA ALA B 134 22.44 -3.55 7.55
C ALA B 134 22.54 -2.10 8.03
N PHE B 135 21.98 -1.81 9.21
CA PHE B 135 22.05 -0.43 9.69
C PHE B 135 23.45 -0.05 10.15
N ALA B 136 24.35 -1.01 10.36
CA ALA B 136 25.71 -0.66 10.77
C ALA B 136 26.41 0.16 9.70
N ALA B 137 26.02 0.01 8.45
CA ALA B 137 26.60 0.78 7.36
C ALA B 137 26.02 2.18 7.23
N ALA B 138 25.21 2.66 8.17
CA ALA B 138 24.56 3.96 8.05
C ALA B 138 25.12 4.89 9.13
N ARG B 139 25.84 5.91 8.70
CA ARG B 139 26.42 6.88 9.63
C ARG B 139 25.32 7.66 10.35
N ASP B 140 25.57 7.98 11.63
CA ASP B 140 24.70 8.86 12.41
CA ASP B 140 24.70 8.86 12.42
C ASP B 140 23.30 8.28 12.59
N THR B 141 23.22 6.96 12.77
CA THR B 141 21.96 6.31 13.04
C THR B 141 22.18 5.29 14.14
N GLU B 142 21.13 5.05 14.92
CA GLU B 142 21.11 3.99 15.93
C GLU B 142 19.84 3.18 15.68
N VAL B 143 19.95 1.86 15.74
CA VAL B 143 18.80 1.01 15.47
C VAL B 143 18.42 0.24 16.73
N PHE B 144 17.13 0.06 16.92
CA PHE B 144 16.54 -0.66 18.04
C PHE B 144 15.56 -1.67 17.46
N THR B 145 15.55 -2.89 18.00
CA THR B 145 14.75 -3.95 17.40
C THR B 145 13.86 -4.61 18.45
N VAL B 146 12.67 -5.02 18.00
CA VAL B 146 11.71 -5.75 18.83
C VAL B 146 11.07 -6.85 17.99
N ALA B 147 10.99 -8.06 18.53
CA ALA B 147 10.23 -9.14 17.91
C ALA B 147 8.77 -9.07 18.35
N CYS B 148 7.85 -9.34 17.42
CA CYS B 148 6.41 -9.28 17.70
C CYS B 148 5.74 -10.59 17.28
N PRO B 149 6.05 -11.71 17.95
CA PRO B 149 5.64 -13.02 17.41
C PRO B 149 4.14 -13.20 17.19
N ARG B 150 3.28 -12.68 18.07
CA ARG B 150 1.85 -12.93 17.90
C ARG B 150 1.20 -12.08 16.81
N PHE B 151 1.89 -11.07 16.28
CA PHE B 151 1.27 -10.22 15.25
C PHE B 151 0.80 -11.03 14.04
N VAL B 152 1.59 -12.02 13.61
CA VAL B 152 1.22 -12.79 12.41
C VAL B 152 -0.13 -13.47 12.60
N ASP B 153 -0.33 -14.11 13.75
CA ASP B 153 -1.61 -14.75 14.08
C ASP B 153 -2.75 -13.74 14.04
N PHE B 154 -2.57 -12.58 14.68
CA PHE B 154 -3.64 -11.59 14.70
C PHE B 154 -3.98 -11.12 13.29
N VAL B 155 -2.95 -10.89 12.46
CA VAL B 155 -3.24 -10.47 11.09
C VAL B 155 -3.99 -11.56 10.33
N GLU B 156 -3.56 -12.83 10.47
CA GLU B 156 -4.20 -13.88 9.68
C GLU B 156 -5.64 -14.09 10.11
N ARG B 157 -5.95 -13.92 11.41
CA ARG B 157 -7.32 -14.02 11.89
C ARG B 157 -8.14 -12.76 11.61
N GLY B 158 -7.50 -11.68 11.14
CA GLY B 158 -8.24 -10.48 10.83
C GLY B 158 -8.56 -9.62 12.02
N VAL B 159 -7.75 -9.68 13.07
CA VAL B 159 -7.93 -8.85 14.25
C VAL B 159 -6.82 -7.81 14.28
N THR B 160 -7.11 -6.63 13.73
CA THR B 160 -6.09 -5.61 13.52
C THR B 160 -6.54 -4.25 14.03
N SER B 161 -7.52 -4.23 14.93
CA SER B 161 -7.94 -3.04 15.64
C SER B 161 -8.66 -3.51 16.90
N GLY B 162 -8.90 -2.57 17.81
CA GLY B 162 -9.57 -2.87 19.05
C GLY B 162 -8.59 -3.02 20.21
N ARG B 163 -9.17 -3.20 21.41
CA ARG B 163 -8.40 -3.06 22.64
C ARG B 163 -7.40 -4.19 22.83
N GLN B 164 -7.77 -5.41 22.43
CA GLN B 164 -6.91 -6.56 22.67
C GLN B 164 -5.60 -6.44 21.89
N VAL B 165 -5.70 -6.17 20.58
CA VAL B 165 -4.47 -6.12 19.79
C VAL B 165 -3.70 -4.84 20.11
N LEU B 166 -4.39 -3.75 20.48
CA LEU B 166 -3.65 -2.56 20.91
C LEU B 166 -2.82 -2.86 22.15
N GLY B 167 -3.39 -3.57 23.12
CA GLY B 167 -2.63 -3.92 24.31
C GLY B 167 -1.41 -4.78 23.98
N LEU B 168 -1.59 -5.75 23.06
CA LEU B 168 -0.47 -6.57 22.61
C LEU B 168 0.61 -5.72 21.97
N ALA B 169 0.21 -4.82 21.06
CA ALA B 169 1.18 -3.95 20.42
C ALA B 169 1.91 -3.07 21.44
N GLU B 170 1.18 -2.55 22.43
CA GLU B 170 1.80 -1.68 23.42
C GLU B 170 2.90 -2.41 24.18
N GLY B 171 2.65 -3.66 24.54
CA GLY B 171 3.66 -4.43 25.26
C GLY B 171 4.92 -4.66 24.45
N TYR B 172 4.75 -5.02 23.17
CA TYR B 172 5.90 -5.23 22.30
C TYR B 172 6.66 -3.93 22.09
N LEU B 173 5.95 -2.84 21.84
CA LEU B 173 6.54 -1.61 21.32
C LEU B 173 7.14 -0.71 22.40
N GLU B 174 6.83 -0.95 23.67
CA GLU B 174 7.30 -0.06 24.72
C GLU B 174 8.80 0.22 24.68
N PRO B 175 9.69 -0.77 24.49
CA PRO B 175 11.13 -0.45 24.44
C PRO B 175 11.49 0.50 23.30
N LEU B 176 10.76 0.45 22.18
CA LEU B 176 11.04 1.40 21.11
C LEU B 176 10.56 2.79 21.45
N GLN B 177 9.43 2.89 22.17
CA GLN B 177 8.98 4.18 22.65
C GLN B 177 9.97 4.77 23.63
N LEU B 178 10.49 3.92 24.53
CA LEU B 178 11.47 4.40 25.50
C LEU B 178 12.74 4.88 24.81
N ALA B 179 13.14 4.20 23.72
CA ALA B 179 14.31 4.60 22.96
C ALA B 179 14.06 5.82 22.06
N GLU B 180 12.81 6.30 22.00
CA GLU B 180 12.45 7.51 21.25
C GLU B 180 12.78 7.40 19.76
N VAL B 181 12.52 6.23 19.17
CA VAL B 181 12.68 6.13 17.72
C VAL B 181 11.63 7.03 17.05
N ASP B 182 11.98 7.56 15.87
CA ASP B 182 11.01 8.35 15.10
C ASP B 182 10.68 7.72 13.77
N THR B 183 11.19 6.50 13.51
CA THR B 183 11.01 5.77 12.28
C THR B 183 10.92 4.29 12.65
N LEU B 184 10.00 3.56 12.05
CA LEU B 184 9.76 2.16 12.41
C LEU B 184 9.60 1.34 11.15
N VAL B 185 10.53 0.41 10.91
CA VAL B 185 10.43 -0.50 9.77
C VAL B 185 9.47 -1.64 10.11
N LEU B 186 8.47 -1.83 9.24
CA LEU B 186 7.53 -2.94 9.36
C LEU B 186 8.16 -4.16 8.69
N GLY B 187 9.01 -4.85 9.45
CA GLY B 187 9.88 -5.89 8.90
C GLY B 187 9.26 -7.27 8.82
N CYS B 188 8.06 -7.36 8.26
CA CYS B 188 7.35 -8.62 8.15
C CYS B 188 6.25 -8.44 7.12
N THR B 189 6.01 -9.49 6.31
CA THR B 189 5.01 -9.43 5.25
C THR B 189 3.64 -9.04 5.77
N HIS B 190 3.32 -9.44 7.00
CA HIS B 190 1.96 -9.27 7.53
C HIS B 190 1.71 -7.88 8.08
N TYR B 191 2.74 -7.10 8.36
CA TYR B 191 2.54 -5.92 9.19
C TYR B 191 1.91 -4.72 8.47
N PRO B 192 1.93 -4.60 7.13
CA PRO B 192 1.12 -3.54 6.51
C PRO B 192 -0.33 -3.56 6.96
N MET B 193 -0.89 -4.74 7.25
CA MET B 193 -2.26 -4.81 7.74
C MET B 193 -2.43 -4.30 9.16
N LEU B 194 -1.33 -4.04 9.88
CA LEU B 194 -1.39 -3.50 11.22
C LEU B 194 -0.93 -2.06 11.29
N SER B 195 -0.74 -1.40 10.14
CA SER B 195 -0.10 -0.09 10.16
C SER B 195 -0.96 0.94 10.92
N GLY B 196 -2.28 0.86 10.78
CA GLY B 196 -3.14 1.79 11.51
C GLY B 196 -3.05 1.60 13.01
N LEU B 197 -3.02 0.35 13.44
CA LEU B 197 -2.93 0.03 14.86
C LEU B 197 -1.57 0.40 15.42
N ILE B 198 -0.50 0.09 14.68
CA ILE B 198 0.85 0.46 15.10
C ILE B 198 1.02 1.97 15.13
N GLN B 199 0.43 2.68 14.15
CA GLN B 199 0.51 4.14 14.18
C GLN B 199 -0.20 4.70 15.41
N LEU B 200 -1.36 4.14 15.75
CA LEU B 200 -2.05 4.55 16.96
C LEU B 200 -1.17 4.39 18.20
N ALA B 201 -0.46 3.27 18.30
CA ALA B 201 0.38 3.01 19.46
C ALA B 201 1.61 3.91 19.50
N MET B 202 2.19 4.20 18.33
CA MET B 202 3.46 4.93 18.29
C MET B 202 3.27 6.44 18.24
N GLY B 203 2.10 6.93 17.87
CA GLY B 203 1.88 8.36 17.78
C GLY B 203 2.30 8.91 16.43
N ASP B 204 1.99 10.20 16.23
CA ASP B 204 2.10 10.76 14.89
C ASP B 204 3.50 11.16 14.49
N ASN B 205 4.46 11.16 15.41
CA ASN B 205 5.82 11.55 15.07
C ASN B 205 6.69 10.38 14.64
N VAL B 206 6.11 9.19 14.44
CA VAL B 206 6.88 8.01 14.06
C VAL B 206 6.51 7.66 12.62
N THR B 207 7.52 7.63 11.75
CA THR B 207 7.33 7.28 10.35
C THR B 207 7.40 5.77 10.18
N LEU B 208 6.29 5.15 9.76
CA LEU B 208 6.28 3.73 9.45
C LEU B 208 6.80 3.49 8.04
N VAL B 209 7.61 2.45 7.86
CA VAL B 209 8.18 2.11 6.55
C VAL B 209 7.71 0.69 6.21
N SER B 210 6.98 0.56 5.10
CA SER B 210 6.44 -0.72 4.64
C SER B 210 7.48 -1.46 3.80
N SER B 211 7.75 -2.72 4.15
CA SER B 211 8.63 -3.53 3.30
C SER B 211 8.04 -3.71 1.90
N ALA B 212 6.73 -3.89 1.80
CA ALA B 212 6.12 -4.15 0.50
C ALA B 212 6.28 -2.96 -0.43
N GLU B 213 5.99 -1.77 0.08
CA GLU B 213 6.06 -0.59 -0.78
C GLU B 213 7.50 -0.30 -1.23
N GLU B 214 8.47 -0.37 -0.32
CA GLU B 214 9.83 -0.02 -0.70
C GLU B 214 10.43 -1.06 -1.65
N THR B 215 10.08 -2.33 -1.47
CA THR B 215 10.58 -3.37 -2.36
C THR B 215 9.95 -3.28 -3.74
N ALA B 216 8.64 -2.97 -3.81
CA ALA B 216 8.00 -2.81 -5.11
C ALA B 216 8.67 -1.69 -5.91
N LYS B 217 8.92 -0.55 -5.26
CA LYS B 217 9.59 0.54 -5.94
C LYS B 217 11.02 0.17 -6.31
N ASP B 218 11.70 -0.58 -5.44
CA ASP B 218 13.08 -0.99 -5.71
C ASP B 218 13.15 -1.90 -6.92
N LEU B 219 12.16 -2.80 -7.07
CA LEU B 219 12.16 -3.70 -8.22
C LEU B 219 12.00 -2.93 -9.51
N LEU B 220 11.14 -1.91 -9.53
CA LEU B 220 10.99 -1.09 -10.73
C LEU B 220 12.32 -0.40 -11.07
N ARG B 221 13.01 0.13 -10.06
CA ARG B 221 14.31 0.75 -10.30
C ARG B 221 15.30 -0.25 -10.86
N VAL B 222 15.40 -1.43 -10.25
CA VAL B 222 16.36 -2.44 -10.67
C VAL B 222 16.09 -2.86 -12.12
N LEU B 223 14.83 -3.13 -12.46
CA LEU B 223 14.52 -3.52 -13.84
C LEU B 223 14.81 -2.39 -14.80
N THR B 224 14.54 -1.15 -14.39
CA THR B 224 14.76 -0.01 -15.27
C THR B 224 16.25 0.14 -15.60
N GLU B 225 17.12 0.10 -14.59
CA GLU B 225 18.52 0.35 -14.89
C GLU B 225 19.21 -0.83 -15.58
N LEU B 226 18.63 -2.02 -15.52
CA LEU B 226 19.12 -3.16 -16.28
C LEU B 226 18.44 -3.30 -17.64
N ASP B 227 17.57 -2.35 -18.01
CA ASP B 227 16.80 -2.42 -19.25
C ASP B 227 16.05 -3.74 -19.36
N LEU B 228 15.42 -4.16 -18.25
CA LEU B 228 14.77 -5.46 -18.17
C LEU B 228 13.25 -5.36 -18.06
N LEU B 229 12.67 -4.18 -18.27
CA LEU B 229 11.22 -4.05 -18.19
C LEU B 229 10.58 -4.75 -19.38
N ARG B 230 9.52 -5.49 -19.10
CA ARG B 230 8.71 -6.03 -20.18
C ARG B 230 8.10 -4.88 -20.95
N PRO B 231 8.20 -4.88 -22.28
CA PRO B 231 7.63 -3.77 -23.04
C PRO B 231 6.11 -3.72 -22.89
N HIS B 232 5.59 -2.50 -22.79
CA HIS B 232 4.15 -2.32 -22.66
C HIS B 232 3.47 -2.80 -23.95
N PRO B 233 2.45 -3.64 -23.86
CA PRO B 233 1.81 -4.16 -25.09
C PRO B 233 1.06 -3.06 -25.83
N ASP B 234 1.19 -3.08 -27.16
CA ASP B 234 0.39 -2.18 -27.98
C ASP B 234 -1.07 -2.64 -28.04
N ASP B 235 -1.31 -3.95 -28.01
CA ASP B 235 -2.66 -4.48 -27.98
C ASP B 235 -3.18 -4.47 -26.55
N PRO B 236 -4.24 -3.71 -26.25
CA PRO B 236 -4.72 -3.64 -24.85
C PRO B 236 -5.42 -4.91 -24.39
N SER B 237 -5.68 -5.86 -25.28
CA SER B 237 -6.21 -7.15 -24.86
C SER B 237 -5.14 -8.04 -24.23
N VAL B 238 -3.87 -7.71 -24.42
CA VAL B 238 -2.76 -8.46 -23.82
C VAL B 238 -2.59 -8.03 -22.37
N THR B 239 -2.59 -9.01 -21.45
CA THR B 239 -2.38 -8.72 -20.04
C THR B 239 -1.39 -9.72 -19.45
N ALA B 240 -0.85 -9.37 -18.29
CA ALA B 240 0.22 -10.16 -17.69
C ALA B 240 -0.29 -11.54 -17.28
N VAL B 241 0.59 -12.53 -17.35
CA VAL B 241 0.33 -13.88 -16.87
C VAL B 241 0.88 -13.97 -15.47
N ARG B 242 0.00 -14.22 -14.49
CA ARG B 242 0.40 -14.32 -13.09
C ARG B 242 0.00 -15.68 -12.55
N ARG B 243 0.95 -16.39 -11.96
CA ARG B 243 0.76 -17.75 -11.51
C ARG B 243 1.06 -17.83 -10.02
N PHE B 244 0.18 -18.47 -9.27
CA PHE B 244 0.33 -18.58 -7.82
C PHE B 244 0.41 -20.04 -7.42
N GLU B 245 1.46 -20.39 -6.66
CA GLU B 245 1.75 -21.76 -6.28
C GLU B 245 1.83 -21.86 -4.77
N ALA B 246 1.34 -22.97 -4.22
CA ALA B 246 1.42 -23.25 -2.79
C ALA B 246 2.09 -24.59 -2.58
N THR B 247 2.99 -24.69 -1.59
CA THR B 247 3.54 -25.99 -1.24
C THR B 247 2.62 -26.77 -0.31
N GLY B 248 1.70 -26.09 0.37
CA GLY B 248 0.68 -26.74 1.17
C GLY B 248 -0.63 -26.85 0.41
N ASP B 249 -1.72 -27.00 1.17
CA ASP B 249 -3.03 -27.18 0.54
C ASP B 249 -3.43 -25.92 -0.21
N PRO B 250 -3.72 -26.01 -1.52
CA PRO B 250 -4.12 -24.81 -2.27
C PRO B 250 -5.43 -24.20 -1.81
N GLU B 251 -6.37 -25.01 -1.28
CA GLU B 251 -7.64 -24.47 -0.81
C GLU B 251 -7.43 -23.58 0.42
N ALA B 252 -6.54 -24.00 1.31
CA ALA B 252 -6.20 -23.16 2.47
C ALA B 252 -5.48 -21.89 2.03
N PHE B 253 -4.65 -21.99 0.99
CA PHE B 253 -3.99 -20.82 0.44
C PHE B 253 -5.03 -19.81 -0.04
N THR B 254 -5.99 -20.27 -0.84
CA THR B 254 -7.04 -19.40 -1.36
C THR B 254 -7.83 -18.75 -0.24
N ALA B 255 -8.17 -19.52 0.81
CA ALA B 255 -8.98 -18.99 1.90
C ALA B 255 -8.24 -17.89 2.65
N LEU B 256 -6.93 -18.04 2.80
CA LEU B 256 -6.16 -17.03 3.52
C LEU B 256 -5.80 -15.84 2.63
N ALA B 257 -5.72 -16.06 1.31
CA ALA B 257 -5.32 -15.00 0.39
C ALA B 257 -6.26 -13.82 0.42
N ALA B 258 -7.53 -14.04 0.80
CA ALA B 258 -8.49 -12.94 0.86
C ALA B 258 -8.09 -11.90 1.90
N ARG B 259 -7.29 -12.28 2.89
CA ARG B 259 -6.78 -11.31 3.85
C ARG B 259 -5.87 -10.28 3.19
N PHE B 260 -5.12 -10.68 2.15
CA PHE B 260 -4.08 -9.84 1.60
C PHE B 260 -4.39 -9.27 0.22
N LEU B 261 -5.28 -9.89 -0.55
CA LEU B 261 -5.60 -9.35 -1.86
C LEU B 261 -6.73 -8.33 -1.76
N GLY B 262 -6.86 -7.53 -2.81
CA GLY B 262 -7.94 -6.55 -2.89
C GLY B 262 -9.30 -7.21 -2.85
N PRO B 263 -10.33 -6.45 -2.47
CA PRO B 263 -11.67 -7.04 -2.38
C PRO B 263 -12.19 -7.40 -3.76
N THR B 264 -13.07 -8.39 -3.80
CA THR B 264 -13.81 -8.69 -5.01
C THR B 264 -15.04 -7.80 -5.08
N LEU B 265 -15.32 -7.27 -6.28
CA LEU B 265 -16.48 -6.41 -6.45
C LEU B 265 -17.78 -7.21 -6.39
N ASP B 266 -18.83 -6.56 -5.90
CA ASP B 266 -20.13 -7.21 -5.80
C ASP B 266 -20.87 -7.18 -7.14
N PRO B 270 -25.10 -14.43 -11.58
CA PRO B 270 -24.45 -15.74 -11.49
C PRO B 270 -25.45 -16.90 -11.61
N VAL B 271 -25.80 -17.25 -12.84
CA VAL B 271 -26.83 -18.26 -13.09
C VAL B 271 -26.28 -19.66 -12.82
N ARG B 272 -27.07 -20.50 -12.16
CA ARG B 272 -26.67 -21.89 -11.94
C ARG B 272 -26.98 -22.74 -13.16
N ARG B 273 -26.10 -23.69 -13.47
CA ARG B 273 -26.33 -24.59 -14.58
C ARG B 273 -25.64 -25.91 -14.29
N HIS B 274 -26.36 -27.01 -14.53
CA HIS B 274 -25.76 -28.33 -14.34
C HIS B 274 -24.73 -28.58 -15.43
N ALA B 275 -23.50 -28.87 -15.04
CA ALA B 275 -22.44 -29.12 -16.01
C ALA B 275 -22.39 -30.60 -16.36
N GLY B 276 -22.17 -30.89 -17.65
CA GLY B 276 -22.12 -32.28 -18.09
C GLY B 276 -22.03 -32.34 -19.60
N ALA B 277 -21.68 -33.53 -20.09
CA ALA B 277 -21.52 -33.76 -21.52
C ALA B 277 -22.73 -34.45 -22.15
N GLY B 278 -23.82 -34.63 -21.39
CA GLY B 278 -25.05 -35.18 -21.95
C GLY B 278 -25.91 -34.20 -22.72
N ARG B 279 -25.47 -32.96 -22.86
CA ARG B 279 -26.19 -31.94 -23.64
C ARG B 279 -25.22 -30.82 -23.97
N DGL C . -10.02 11.19 -7.79
CA DGL C . -9.27 12.32 -8.33
C DGL C . -8.33 12.89 -7.29
O DGL C . -7.84 14.02 -7.46
CB DGL C . -8.48 11.94 -9.60
CG DGL C . -9.34 11.72 -10.85
CD DGL C . -10.18 12.95 -11.19
OE1 DGL C . -9.62 13.95 -11.66
OE2 DGL C . -11.42 12.91 -10.95
OXT DGL C . -8.04 12.24 -6.28
I IOD D . -6.36 17.81 -14.03
I IOD E . -3.95 -11.91 -11.82
I IOD F . -15.07 3.78 -15.83
N DGL G . 6.55 -14.11 5.80
CA DGL G . 7.08 -14.00 7.16
C DGL G . 7.89 -12.74 7.30
O DGL G . 7.77 -11.82 6.48
CB DGL G . 5.95 -13.95 8.20
CG DGL G . 5.23 -15.25 8.41
CD DGL G . 6.19 -16.35 8.84
OE1 DGL G . 6.52 -17.23 8.02
OE2 DGL G . 6.63 -16.30 10.00
OXT DGL G . 8.65 -12.61 8.28
#